data_4GTA
#
_entry.id   4GTA
#
_cell.length_a   110.300
_cell.length_b   110.300
_cell.length_c   121.030
_cell.angle_alpha   90.00
_cell.angle_beta   90.00
_cell.angle_gamma   90.00
#
_symmetry.space_group_name_H-M   'I 41 2 2'
#
loop_
_entity.id
_entity.type
_entity.pdbx_description
1 polymer 'Thymidylate synthase thyX'
2 non-polymer 'FLAVIN-ADENINE DINUCLEOTIDE'
3 non-polymer "2'-DEOXYURIDINE 5'-MONOPHOSPHATE"
4 non-polymer 'N-[4-({[(6S)-2-amino-5-formyl-4-oxo-3,4,5,6,7,8-hexahydropteridin-6-yl]methyl}amino)benzoyl]-L-glutamic acid'
5 non-polymer 'CHLORIDE ION'
6 water water
#
_entity_poly.entity_id   1
_entity_poly.type   'polypeptide(L)'
_entity_poly.pdbx_seq_one_letter_code
;MGSDKIHHHHHHMKIDILDKGFVELVDVMGNDLSAVRAARVSFDMGLKDEERDRHLIEYLMKHGHETPFEHIVFTFHVKA
PIFVARQWFRHRIASYNELSGRYSKLSYEFYIPSPERLEGYKTTIPPERVTEKISEIVDKAYRTYLELIESGVPREVARI
VLPLNLYTRFFWTVNARSLMNFLNLRADSHAQWEIQQYALAIARIFKEKCPWTFEAFLKYAYKGDILKEVQV
;
_entity_poly.pdbx_strand_id   A
#
loop_
_chem_comp.id
_chem_comp.type
_chem_comp.name
_chem_comp.formula
CL non-polymer 'CHLORIDE ION' 'Cl -1'
FAD non-polymer 'FLAVIN-ADENINE DINUCLEOTIDE' 'C27 H33 N9 O15 P2'
FFO non-polymer 'N-[4-({[(6S)-2-amino-5-formyl-4-oxo-3,4,5,6,7,8-hexahydropteridin-6-yl]methyl}amino)benzoyl]-L-glutamic acid' 'C20 H23 N7 O7'
UMP non-polymer '2'-DEOXYURIDINE 5'-MONOPHOSPHATE' 'C9 H13 N2 O8 P'
#
# COMPACT_ATOMS: atom_id res chain seq x y z
N HIS A 12 11.71 -3.55 -9.89
CA HIS A 12 11.07 -4.27 -11.04
C HIS A 12 9.80 -3.57 -11.51
N MET A 13 8.65 -4.07 -11.04
CA MET A 13 7.32 -3.48 -11.37
C MET A 13 7.14 -2.21 -10.54
N LYS A 14 6.91 -1.08 -11.21
CA LYS A 14 6.68 0.23 -10.59
C LYS A 14 5.46 0.90 -11.22
N ILE A 15 4.68 1.57 -10.39
CA ILE A 15 3.42 2.15 -10.78
C ILE A 15 3.32 3.54 -10.16
N ASP A 16 3.06 4.53 -11.00
CA ASP A 16 2.86 5.89 -10.53
C ASP A 16 1.47 5.99 -9.88
N ILE A 17 1.38 6.76 -8.79
CA ILE A 17 0.13 6.92 -8.01
C ILE A 17 -0.01 8.39 -7.69
N LEU A 18 -1.23 8.92 -7.76
CA LEU A 18 -1.50 10.33 -7.50
C LEU A 18 -0.62 11.18 -8.43
N ASP A 19 -0.21 12.36 -7.97
CA ASP A 19 0.52 13.29 -8.77
C ASP A 19 2.03 13.01 -8.83
N LYS A 20 2.57 12.58 -7.70
CA LYS A 20 4.02 12.39 -7.52
C LYS A 20 4.38 11.09 -6.79
N GLY A 21 3.41 10.24 -6.43
CA GLY A 21 3.66 9.02 -5.72
C GLY A 21 4.05 7.82 -6.57
N PHE A 22 4.37 6.74 -5.89
CA PHE A 22 4.63 5.48 -6.58
C PHE A 22 4.55 4.33 -5.62
N VAL A 23 4.39 3.17 -6.21
CA VAL A 23 4.60 1.85 -5.56
C VAL A 23 5.55 1.08 -6.45
N GLU A 24 6.58 0.46 -5.87
CA GLU A 24 7.52 -0.35 -6.59
C GLU A 24 7.77 -1.64 -5.83
N LEU A 25 7.74 -2.76 -6.52
CA LEU A 25 8.19 -4.03 -5.89
C LEU A 25 9.72 -4.08 -5.84
N VAL A 26 10.25 -4.26 -4.63
CA VAL A 26 11.71 -4.37 -4.41
C VAL A 26 12.16 -5.82 -4.42
N ASP A 27 11.36 -6.72 -3.80
CA ASP A 27 11.74 -8.11 -3.72
C ASP A 27 10.50 -8.92 -3.38
N VAL A 28 10.62 -10.21 -3.59
CA VAL A 28 9.55 -11.18 -3.30
C VAL A 28 10.20 -12.50 -2.99
N MET A 29 9.62 -13.20 -2.03
CA MET A 29 9.97 -14.57 -1.70
C MET A 29 8.78 -15.44 -1.98
N GLY A 30 8.95 -16.42 -2.84
CA GLY A 30 7.93 -17.40 -3.04
C GLY A 30 6.95 -17.02 -4.12
N ASN A 31 5.98 -17.92 -4.24
CA ASN A 31 5.01 -17.86 -5.32
C ASN A 31 3.83 -18.72 -4.90
N ASP A 32 2.88 -18.93 -5.79
CA ASP A 32 1.72 -19.76 -5.46
C ASP A 32 2.13 -21.10 -4.89
N LEU A 33 3.17 -21.73 -5.43
CA LEU A 33 3.55 -23.06 -5.00
C LEU A 33 4.14 -23.03 -3.58
N SER A 34 4.63 -21.90 -3.14
CA SER A 34 5.13 -21.77 -1.74
C SER A 34 4.02 -22.09 -0.76
N ALA A 35 2.83 -21.60 -1.07
CA ALA A 35 1.66 -21.86 -0.20
C ALA A 35 1.24 -23.30 -0.31
N VAL A 36 1.25 -23.90 -1.50
CA VAL A 36 0.87 -25.28 -1.65
C VAL A 36 1.85 -26.17 -0.87
N ARG A 37 3.14 -25.95 -0.99
N ARG A 37 3.14 -25.86 -1.00
CA ARG A 37 4.08 -26.88 -0.34
CA ARG A 37 4.23 -26.61 -0.34
C ARG A 37 4.06 -26.68 1.19
C ARG A 37 4.02 -26.55 1.17
N ALA A 38 3.19 -25.77 1.66
N ALA A 38 4.05 -25.31 1.70
CA ALA A 38 2.91 -25.59 3.11
CA ALA A 38 4.00 -25.08 3.15
C ALA A 38 1.53 -26.10 3.58
C ALA A 38 2.81 -25.85 3.68
N ALA A 39 0.53 -26.03 2.72
N ALA A 39 1.65 -25.69 3.01
CA ALA A 39 -0.78 -26.64 3.02
CA ALA A 39 0.45 -26.42 3.38
C ALA A 39 -0.69 -28.14 3.09
C ALA A 39 0.64 -27.93 3.40
N ARG A 40 0.06 -28.72 2.15
N ARG A 40 1.34 -28.47 2.40
CA ARG A 40 0.04 -30.15 1.99
CA ARG A 40 1.62 -29.90 2.36
C ARG A 40 0.78 -30.89 3.11
C ARG A 40 2.83 -30.36 3.21
N VAL A 41 1.65 -30.18 3.84
N VAL A 41 3.64 -29.41 3.66
CA VAL A 41 2.40 -30.86 4.88
CA VAL A 41 4.94 -29.70 4.32
C VAL A 41 1.45 -31.42 5.93
C VAL A 41 5.74 -30.61 3.39
N SER A 42 0.33 -30.74 6.13
N SER A 42 5.80 -30.17 2.14
CA SER A 42 -0.66 -31.22 7.10
CA SER A 42 6.40 -30.97 1.06
C SER A 42 -0.99 -32.67 6.84
C SER A 42 7.90 -31.14 1.10
N PHE A 43 -1.15 -33.02 5.55
N PHE A 43 8.34 -32.38 0.93
CA PHE A 43 -1.63 -34.33 5.15
CA PHE A 43 9.70 -32.63 0.53
C PHE A 43 -0.45 -35.25 4.79
C PHE A 43 9.82 -32.31 -0.95
N ASP A 44 0.76 -34.83 5.14
CA ASP A 44 1.96 -35.56 4.76
C ASP A 44 2.02 -35.76 3.25
N MET A 45 1.79 -34.66 2.52
CA MET A 45 1.87 -34.68 1.04
C MET A 45 2.76 -33.52 0.58
N LYS A 48 1.50 -31.83 -6.46
CA LYS A 48 0.92 -32.98 -7.17
C LYS A 48 0.96 -32.81 -8.71
N ASP A 49 0.12 -31.92 -9.22
CA ASP A 49 0.22 -31.41 -10.60
C ASP A 49 -0.47 -30.04 -10.61
N GLU A 50 -0.41 -29.32 -11.73
CA GLU A 50 -0.96 -27.96 -11.82
C GLU A 50 -2.46 -27.85 -11.50
N GLU A 51 -3.24 -28.81 -11.99
CA GLU A 51 -4.69 -28.84 -11.73
C GLU A 51 -4.93 -29.00 -10.23
N ARG A 52 -4.22 -29.92 -9.60
CA ARG A 52 -4.46 -30.17 -8.18
C ARG A 52 -3.88 -29.10 -7.32
N ASP A 53 -2.75 -28.50 -7.72
CA ASP A 53 -2.15 -27.44 -6.90
C ASP A 53 -3.07 -26.19 -6.91
N ARG A 54 -3.59 -25.84 -8.09
CA ARG A 54 -4.53 -24.71 -8.16
C ARG A 54 -5.81 -25.01 -7.38
N HIS A 55 -6.34 -26.23 -7.49
CA HIS A 55 -7.54 -26.60 -6.71
C HIS A 55 -7.30 -26.45 -5.21
N LEU A 56 -6.10 -26.80 -4.73
N LEU A 56 -6.09 -26.82 -4.75
CA LEU A 56 -5.76 -26.67 -3.33
CA LEU A 56 -5.73 -26.70 -3.33
C LEU A 56 -5.77 -25.21 -2.89
C LEU A 56 -5.76 -25.23 -2.90
N ILE A 57 -5.17 -24.34 -3.71
CA ILE A 57 -5.21 -22.91 -3.44
CA ILE A 57 -5.22 -22.93 -3.36
C ILE A 57 -6.66 -22.44 -3.25
N GLU A 58 -7.54 -22.85 -4.18
CA GLU A 58 -8.94 -22.42 -4.16
C GLU A 58 -9.62 -22.96 -2.90
N TYR A 59 -9.31 -24.21 -2.59
CA TYR A 59 -9.84 -24.86 -1.43
C TYR A 59 -9.49 -24.12 -0.16
N LEU A 60 -8.20 -23.76 -0.02
CA LEU A 60 -7.72 -23.07 1.18
C LEU A 60 -8.44 -21.73 1.34
N MET A 61 -8.59 -21.04 0.22
CA MET A 61 -9.18 -19.73 0.24
C MET A 61 -10.67 -19.80 0.58
N LYS A 62 -11.38 -20.76 -0.01
CA LYS A 62 -12.83 -20.83 0.16
C LYS A 62 -13.18 -21.26 1.60
N HIS A 63 -12.28 -22.01 2.23
CA HIS A 63 -12.52 -22.47 3.61
C HIS A 63 -11.84 -21.65 4.68
N GLY A 64 -11.12 -20.60 4.32
CA GLY A 64 -10.52 -19.72 5.29
C GLY A 64 -9.21 -20.19 5.92
N HIS A 65 -8.51 -21.10 5.24
CA HIS A 65 -7.27 -21.66 5.77
C HIS A 65 -6.10 -20.80 5.25
N GLU A 66 -5.82 -19.72 5.93
CA GLU A 66 -4.95 -18.69 5.35
C GLU A 66 -3.50 -18.76 5.77
N THR A 67 -3.17 -19.51 6.81
CA THR A 67 -1.76 -19.52 7.22
C THR A 67 -0.77 -19.96 6.11
N PRO A 68 -1.14 -20.84 5.19
CA PRO A 68 -0.13 -21.22 4.16
C PRO A 68 0.35 -20.02 3.34
N PHE A 69 -0.46 -18.99 3.21
CA PHE A 69 -0.10 -17.81 2.41
C PHE A 69 0.86 -16.92 3.10
N GLU A 70 1.11 -17.12 4.38
CA GLU A 70 2.14 -16.37 5.11
C GLU A 70 3.55 -16.64 4.60
N HIS A 71 3.72 -17.70 3.86
CA HIS A 71 5.05 -18.13 3.37
C HIS A 71 5.45 -17.39 2.07
N ILE A 72 4.56 -16.56 1.60
CA ILE A 72 4.81 -15.69 0.41
C ILE A 72 5.02 -14.30 0.97
N VAL A 73 6.16 -13.64 0.66
CA VAL A 73 6.49 -12.39 1.27
C VAL A 73 6.95 -11.40 0.18
N PHE A 74 6.52 -10.16 0.36
CA PHE A 74 6.84 -9.03 -0.56
C PHE A 74 7.56 -7.92 0.17
N THR A 75 8.47 -7.24 -0.55
CA THR A 75 8.95 -5.94 -0.11
C THR A 75 8.65 -4.89 -1.20
N PHE A 76 7.99 -3.82 -0.76
CA PHE A 76 7.64 -2.69 -1.61
C PHE A 76 8.37 -1.44 -1.15
N HIS A 77 8.62 -0.54 -2.09
CA HIS A 77 9.06 0.82 -1.81
C HIS A 77 7.90 1.73 -2.27
N VAL A 78 7.43 2.56 -1.37
CA VAL A 78 6.26 3.37 -1.52
C VAL A 78 6.60 4.83 -1.25
N LYS A 79 6.10 5.71 -2.14
CA LYS A 79 6.17 7.16 -1.98
C LYS A 79 4.73 7.63 -1.90
N ALA A 80 4.35 8.23 -0.77
CA ALA A 80 2.96 8.58 -0.50
C ALA A 80 2.89 9.77 0.42
N PRO A 81 1.80 10.53 0.38
CA PRO A 81 1.66 11.58 1.37
C PRO A 81 1.52 11.07 2.80
N ILE A 82 1.92 11.88 3.77
CA ILE A 82 1.86 11.46 5.18
C ILE A 82 0.46 10.98 5.55
N PHE A 83 -0.61 11.66 5.15
CA PHE A 83 -1.95 11.21 5.59
C PHE A 83 -2.28 9.83 5.06
N VAL A 84 -1.74 9.43 3.92
CA VAL A 84 -1.92 8.08 3.39
C VAL A 84 -1.06 7.11 4.22
N ALA A 85 0.20 7.47 4.44
CA ALA A 85 1.07 6.64 5.23
C ALA A 85 0.56 6.40 6.64
N ARG A 86 -0.10 7.37 7.26
CA ARG A 86 -0.67 7.24 8.63
CA ARG A 86 -0.62 7.16 8.62
C ARG A 86 -1.70 6.11 8.65
N GLN A 87 -2.51 6.03 7.60
CA GLN A 87 -3.50 5.01 7.52
C GLN A 87 -2.82 3.65 7.25
N TRP A 88 -1.88 3.65 6.32
CA TRP A 88 -1.20 2.44 5.91
C TRP A 88 -0.47 1.79 7.09
N PHE A 89 0.20 2.61 7.91
CA PHE A 89 1.03 2.10 8.99
C PHE A 89 0.22 1.55 10.14
N ARG A 90 -1.10 1.64 10.08
CA ARG A 90 -1.95 1.00 11.05
C ARG A 90 -1.96 -0.51 10.89
N HIS A 91 -1.49 -1.01 9.75
CA HIS A 91 -1.38 -2.46 9.49
C HIS A 91 -0.14 -2.97 10.22
N ARG A 92 -0.34 -3.49 11.40
CA ARG A 92 0.73 -3.88 12.34
C ARG A 92 1.46 -5.13 11.92
N ILE A 93 0.82 -6.02 11.19
CA ILE A 93 1.41 -7.31 10.81
C ILE A 93 2.15 -7.14 9.50
N ALA A 94 3.28 -6.45 9.67
CA ALA A 94 4.12 -6.00 8.55
C ALA A 94 5.32 -5.30 9.18
N SER A 95 6.26 -4.96 8.30
CA SER A 95 7.50 -4.26 8.64
C SER A 95 7.64 -3.00 7.82
N TYR A 96 8.10 -1.93 8.47
CA TYR A 96 8.21 -0.60 7.84
C TYR A 96 9.55 0.02 8.20
N ASN A 97 10.13 0.74 7.23
CA ASN A 97 11.20 1.74 7.53
C ASN A 97 10.92 2.95 6.66
N GLU A 98 10.90 4.11 7.28
CA GLU A 98 10.45 5.35 6.68
C GLU A 98 11.50 6.45 6.81
N LEU A 99 11.57 7.30 5.80
N LEU A 99 11.52 7.34 5.82
CA LEU A 99 12.32 8.56 5.89
CA LEU A 99 12.30 8.58 5.85
C LEU A 99 11.96 9.33 7.15
C LEU A 99 11.94 9.49 7.05
N SER A 100 12.96 9.95 7.76
CA SER A 100 12.81 10.69 9.00
C SER A 100 12.97 12.19 8.85
N GLY A 101 12.04 12.94 9.37
CA GLY A 101 12.16 14.37 9.46
C GLY A 101 12.95 14.86 10.63
N ARG A 102 13.37 13.94 11.52
CA ARG A 102 14.33 14.32 12.52
C ARG A 102 15.73 14.31 11.92
N TYR A 103 15.95 13.34 11.03
CA TYR A 103 17.30 13.04 10.58
C TYR A 103 17.61 13.58 9.19
N SER A 104 16.61 14.01 8.44
CA SER A 104 16.79 14.47 7.04
C SER A 104 16.12 15.81 6.84
N LYS A 105 16.68 16.64 5.97
CA LYS A 105 15.94 17.79 5.40
C LYS A 105 14.86 17.20 4.49
N LEU A 106 13.59 17.58 4.68
CA LEU A 106 12.50 17.03 3.92
C LEU A 106 12.30 17.83 2.63
N SER A 107 11.97 17.09 1.58
CA SER A 107 11.86 17.71 0.25
C SER A 107 10.54 18.44 0.02
N TYR A 108 10.55 19.43 -0.84
CA TYR A 108 9.36 20.21 -1.20
C TYR A 108 8.63 19.34 -2.27
N GLU A 109 7.72 18.55 -1.76
CA GLU A 109 6.90 17.65 -2.60
C GLU A 109 5.62 17.41 -1.83
N PHE A 110 4.50 17.87 -2.40
CA PHE A 110 3.20 17.80 -1.77
C PHE A 110 2.19 17.20 -2.75
N TYR A 111 1.25 16.44 -2.20
CA TYR A 111 0.10 16.01 -2.98
C TYR A 111 -0.94 17.11 -3.15
N ILE A 112 -1.18 17.51 -4.38
CA ILE A 112 -2.18 18.49 -4.68
C ILE A 112 -3.27 17.75 -5.44
N PRO A 113 -4.47 17.67 -4.83
CA PRO A 113 -5.57 16.94 -5.51
C PRO A 113 -5.83 17.51 -6.89
N SER A 114 -6.23 16.63 -7.79
CA SER A 114 -6.71 17.07 -9.11
C SER A 114 -8.11 17.76 -8.97
N PRO A 115 -8.49 18.69 -9.86
CA PRO A 115 -9.87 19.20 -9.70
C PRO A 115 -10.97 18.10 -9.74
N GLU A 116 -10.70 16.98 -10.44
CA GLU A 116 -11.62 15.84 -10.53
C GLU A 116 -11.80 15.15 -9.19
N ARG A 117 -10.90 15.42 -8.25
CA ARG A 117 -11.00 14.83 -6.91
C ARG A 117 -12.33 15.19 -6.23
N LEU A 118 -12.89 16.33 -6.61
CA LEU A 118 -14.10 16.82 -5.95
C LEU A 118 -15.34 16.56 -6.77
N GLU A 119 -15.22 15.67 -7.75
CA GLU A 119 -16.38 15.40 -8.62
C GLU A 119 -17.43 14.71 -7.73
N GLY A 120 -18.69 15.12 -7.84
CA GLY A 120 -19.74 14.61 -6.95
C GLY A 120 -20.12 15.59 -5.85
N TYR A 121 -19.20 16.48 -5.47
CA TYR A 121 -19.43 17.46 -4.40
C TYR A 121 -19.71 18.83 -4.97
N LYS A 122 -20.83 19.43 -4.57
CA LYS A 122 -21.12 20.83 -4.90
C LYS A 122 -20.24 21.69 -3.97
N THR A 123 -19.40 22.56 -4.55
CA THR A 123 -18.57 23.47 -3.75
C THR A 123 -18.87 24.92 -4.10
N THR A 124 -18.76 25.79 -3.10
CA THR A 124 -19.07 27.19 -3.30
C THR A 124 -17.87 27.99 -3.78
N ILE A 125 -16.74 27.32 -3.96
CA ILE A 125 -15.69 27.87 -4.78
C ILE A 125 -15.27 26.81 -5.79
N PRO A 126 -14.86 27.26 -6.99
CA PRO A 126 -14.54 26.36 -8.09
C PRO A 126 -13.45 25.37 -7.71
N PRO A 127 -13.57 24.10 -8.16
CA PRO A 127 -12.58 23.11 -7.78
C PRO A 127 -11.15 23.54 -8.12
N GLU A 128 -10.99 24.35 -9.15
CA GLU A 128 -9.67 24.81 -9.54
C GLU A 128 -9.08 25.81 -8.52
N ARG A 129 -9.94 26.63 -7.92
CA ARG A 129 -9.57 27.51 -6.80
C ARG A 129 -9.25 26.73 -5.49
N VAL A 130 -9.91 25.61 -5.27
CA VAL A 130 -9.57 24.79 -4.11
C VAL A 130 -8.11 24.34 -4.28
N THR A 131 -7.82 23.89 -5.49
CA THR A 131 -6.50 23.37 -5.85
C THR A 131 -5.42 24.46 -5.58
N GLU A 132 -5.72 25.69 -5.93
CA GLU A 132 -4.84 26.87 -5.71
C GLU A 132 -4.61 27.20 -4.23
N LYS A 133 -5.70 27.20 -3.47
CA LYS A 133 -5.61 27.45 -2.04
C LYS A 133 -4.76 26.40 -1.34
N ILE A 134 -4.84 25.14 -1.76
CA ILE A 134 -4.04 24.08 -1.16
C ILE A 134 -2.57 24.32 -1.52
N SER A 135 -2.30 24.61 -2.80
CA SER A 135 -0.90 24.91 -3.19
C SER A 135 -0.36 26.10 -2.45
N GLU A 136 -1.19 27.11 -2.21
CA GLU A 136 -0.71 28.34 -1.60
C GLU A 136 -0.27 28.10 -0.15
N ILE A 137 -1.09 27.34 0.59
CA ILE A 137 -0.79 27.13 1.98
C ILE A 137 0.41 26.21 2.15
N VAL A 138 0.55 25.16 1.36
N VAL A 138 0.49 25.16 1.33
CA VAL A 138 1.75 24.33 1.49
CA VAL A 138 1.66 24.28 1.19
C VAL A 138 3.03 25.07 1.06
C VAL A 138 2.95 25.05 1.06
N ASP A 139 2.95 25.97 0.11
CA ASP A 139 4.10 26.83 -0.17
C ASP A 139 4.52 27.68 1.01
N LYS A 140 3.56 28.34 1.65
CA LYS A 140 3.83 29.18 2.84
C LYS A 140 4.41 28.30 3.98
N ALA A 141 3.87 27.12 4.18
CA ALA A 141 4.38 26.20 5.23
C ALA A 141 5.81 25.82 4.95
N TYR A 142 6.10 25.42 3.72
CA TYR A 142 7.46 25.00 3.39
C TYR A 142 8.39 26.18 3.61
N ARG A 143 7.97 27.38 3.18
CA ARG A 143 8.79 28.59 3.35
C ARG A 143 9.13 28.78 4.82
N THR A 144 8.13 28.58 5.70
CA THR A 144 8.37 28.74 7.15
C THR A 144 9.34 27.64 7.65
N TYR A 145 9.16 26.42 7.18
CA TYR A 145 10.04 25.29 7.56
C TYR A 145 11.47 25.66 7.21
N LEU A 146 11.67 26.16 5.98
CA LEU A 146 13.02 26.43 5.53
C LEU A 146 13.62 27.60 6.29
N GLU A 147 12.84 28.65 6.52
CA GLU A 147 13.27 29.76 7.37
C GLU A 147 13.76 29.30 8.74
N LEU A 148 13.02 28.40 9.34
CA LEU A 148 13.37 27.86 10.66
C LEU A 148 14.68 27.04 10.59
N ILE A 149 14.75 26.13 9.64
CA ILE A 149 15.99 25.36 9.45
C ILE A 149 17.17 26.25 9.25
N GLU A 150 17.03 27.27 8.41
CA GLU A 150 18.16 28.10 8.07
C GLU A 150 18.56 29.11 9.19
N SER A 151 17.68 29.27 10.17
N SER A 151 17.66 29.25 10.17
CA SER A 151 18.00 30.04 11.36
CA SER A 151 17.87 29.99 11.38
C SER A 151 18.64 29.22 12.47
C SER A 151 18.45 29.14 12.52
N GLY A 152 18.78 27.90 12.26
CA GLY A 152 19.37 27.00 13.28
C GLY A 152 18.41 26.23 14.17
N VAL A 153 17.09 26.32 13.90
CA VAL A 153 16.15 25.49 14.61
C VAL A 153 16.39 24.05 14.22
N PRO A 154 16.40 23.09 15.19
CA PRO A 154 16.60 21.72 14.81
C PRO A 154 15.55 21.21 13.87
N ARG A 155 15.95 20.35 12.94
CA ARG A 155 15.05 19.81 11.95
C ARG A 155 13.81 19.21 12.59
N GLU A 156 14.00 18.49 13.68
CA GLU A 156 12.91 17.74 14.28
C GLU A 156 11.82 18.67 14.84
N VAL A 157 12.15 19.90 15.10
CA VAL A 157 11.20 20.94 15.54
C VAL A 157 10.67 21.68 14.32
N ALA A 158 11.54 22.11 13.43
CA ALA A 158 11.09 22.86 12.26
C ALA A 158 10.05 22.17 11.44
N ARG A 159 10.14 20.89 11.27
CA ARG A 159 9.22 20.12 10.45
C ARG A 159 7.78 20.10 10.96
N ILE A 160 7.54 20.57 12.18
CA ILE A 160 6.19 20.38 12.75
C ILE A 160 5.21 21.29 12.07
N VAL A 161 5.66 22.27 11.32
CA VAL A 161 4.75 23.20 10.59
C VAL A 161 4.35 22.61 9.23
N LEU A 162 4.94 21.51 8.80
CA LEU A 162 4.65 20.95 7.49
C LEU A 162 3.32 20.20 7.47
N PRO A 163 2.58 20.33 6.35
CA PRO A 163 1.26 19.69 6.28
C PRO A 163 1.25 18.22 5.97
N LEU A 164 0.10 17.62 6.27
CA LEU A 164 -0.11 16.21 6.08
C LEU A 164 -0.06 15.72 4.66
N ASN A 165 -0.09 16.60 3.66
CA ASN A 165 0.05 16.21 2.26
C ASN A 165 1.53 16.18 1.78
N LEU A 166 2.46 16.44 2.68
CA LEU A 166 3.88 16.20 2.36
C LEU A 166 4.10 14.76 1.95
N TYR A 167 4.89 14.54 0.91
CA TYR A 167 5.26 13.18 0.57
C TYR A 167 6.34 12.63 1.50
N THR A 168 6.20 11.34 1.79
CA THR A 168 7.18 10.55 2.54
C THR A 168 7.45 9.31 1.72
N ARG A 169 8.45 8.52 2.13
CA ARG A 169 8.79 7.25 1.43
C ARG A 169 9.09 6.23 2.47
N PHE A 170 8.79 4.99 2.14
CA PHE A 170 9.04 3.89 3.08
C PHE A 170 9.20 2.58 2.35
N PHE A 171 9.87 1.64 3.02
CA PHE A 171 9.91 0.23 2.59
C PHE A 171 8.88 -0.50 3.45
N TRP A 172 8.18 -1.42 2.83
CA TRP A 172 7.13 -2.24 3.48
C TRP A 172 7.34 -3.69 3.12
N THR A 173 7.57 -4.50 4.14
CA THR A 173 7.66 -5.98 3.97
C THR A 173 6.42 -6.60 4.61
N VAL A 174 5.75 -7.40 3.81
CA VAL A 174 4.41 -7.89 4.19
C VAL A 174 4.21 -9.24 3.54
N ASN A 175 3.63 -10.19 4.27
CA ASN A 175 3.28 -11.48 3.69
C ASN A 175 1.91 -11.48 2.98
N ALA A 176 1.64 -12.50 2.20
CA ALA A 176 0.45 -12.51 1.37
C ALA A 176 -0.83 -12.54 2.20
N ARG A 177 -0.82 -13.15 3.37
CA ARG A 177 -2.01 -13.11 4.22
C ARG A 177 -2.32 -11.72 4.72
N SER A 178 -1.33 -11.03 5.26
CA SER A 178 -1.52 -9.66 5.73
C SER A 178 -1.82 -8.73 4.53
N LEU A 179 -1.23 -8.97 3.38
CA LEU A 179 -1.52 -8.19 2.18
C LEU A 179 -3.01 -8.37 1.80
N MET A 180 -3.54 -9.58 1.87
CA MET A 180 -4.96 -9.79 1.56
C MET A 180 -5.84 -9.05 2.55
N ASN A 181 -5.44 -9.01 3.80
CA ASN A 181 -6.17 -8.17 4.74
C ASN A 181 -6.15 -6.68 4.37
N PHE A 182 -4.97 -6.19 4.01
CA PHE A 182 -4.79 -4.83 3.53
C PHE A 182 -5.69 -4.56 2.32
N LEU A 183 -5.74 -5.48 1.37
CA LEU A 183 -6.60 -5.30 0.20
C LEU A 183 -8.08 -5.31 0.56
N ASN A 184 -8.49 -6.18 1.48
CA ASN A 184 -9.89 -6.17 1.90
C ASN A 184 -10.31 -4.79 2.42
N LEU A 185 -9.44 -4.17 3.18
CA LEU A 185 -9.70 -2.92 3.88
C LEU A 185 -9.47 -1.68 3.02
N ARG A 186 -8.43 -1.69 2.20
CA ARG A 186 -7.97 -0.50 1.51
C ARG A 186 -8.38 -0.50 0.04
N ALA A 187 -8.52 -1.65 -0.60
CA ALA A 187 -9.12 -1.71 -1.91
C ALA A 187 -10.61 -1.85 -1.76
N ASP A 188 -11.21 -0.77 -1.27
CA ASP A 188 -12.60 -0.79 -0.92
C ASP A 188 -13.08 0.66 -0.86
N SER A 189 -14.34 0.86 -1.23
CA SER A 189 -14.92 2.19 -1.34
C SER A 189 -14.99 2.92 -0.02
N HIS A 190 -14.95 2.20 1.09
CA HIS A 190 -14.99 2.89 2.38
C HIS A 190 -13.67 3.50 2.77
N ALA A 191 -12.58 3.02 2.18
CA ALA A 191 -11.25 3.57 2.40
C ALA A 191 -11.13 4.92 1.67
N GLN A 192 -10.24 5.76 2.16
CA GLN A 192 -10.07 7.07 1.50
C GLN A 192 -9.56 6.84 0.04
N TRP A 193 -10.09 7.62 -0.89
CA TRP A 193 -9.78 7.44 -2.32
C TRP A 193 -8.28 7.38 -2.56
N GLU A 194 -7.52 8.21 -1.91
CA GLU A 194 -6.07 8.25 -2.14
C GLU A 194 -5.42 6.94 -1.82
N ILE A 195 -5.70 6.34 -0.66
CA ILE A 195 -5.12 5.03 -0.36
C ILE A 195 -5.72 3.90 -1.20
N GLN A 196 -6.96 4.02 -1.63
CA GLN A 196 -7.51 3.09 -2.64
C GLN A 196 -6.60 2.99 -3.85
N GLN A 197 -6.09 4.13 -4.31
CA GLN A 197 -5.27 4.13 -5.53
CA GLN A 197 -5.27 4.12 -5.54
C GLN A 197 -3.96 3.37 -5.29
N TYR A 198 -3.38 3.47 -4.11
CA TYR A 198 -2.20 2.66 -3.73
C TYR A 198 -2.57 1.20 -3.67
N ALA A 199 -3.70 0.90 -3.06
CA ALA A 199 -4.11 -0.50 -2.94
C ALA A 199 -4.36 -1.17 -4.29
N LEU A 200 -4.91 -0.44 -5.27
CA LEU A 200 -5.09 -0.97 -6.62
C LEU A 200 -3.74 -1.38 -7.21
N ALA A 201 -2.71 -0.58 -6.99
CA ALA A 201 -1.36 -0.90 -7.49
C ALA A 201 -0.75 -2.09 -6.79
N ILE A 202 -0.91 -2.17 -5.50
CA ILE A 202 -0.45 -3.32 -4.67
C ILE A 202 -1.15 -4.57 -5.23
N ALA A 203 -2.45 -4.48 -5.49
CA ALA A 203 -3.21 -5.62 -6.06
C ALA A 203 -2.69 -6.08 -7.40
N ARG A 204 -2.36 -5.13 -8.27
CA ARG A 204 -1.82 -5.48 -9.57
C ARG A 204 -0.52 -6.27 -9.43
N ILE A 205 0.35 -5.82 -8.56
CA ILE A 205 1.62 -6.51 -8.30
C ILE A 205 1.40 -7.93 -7.74
N PHE A 206 0.54 -8.01 -6.75
CA PHE A 206 0.18 -9.30 -6.15
C PHE A 206 -0.35 -10.26 -7.21
N LYS A 207 -1.27 -9.81 -8.05
CA LYS A 207 -1.83 -10.62 -9.13
C LYS A 207 -0.75 -11.14 -10.09
N GLU A 208 0.20 -10.27 -10.45
CA GLU A 208 1.28 -10.68 -11.34
C GLU A 208 2.18 -11.76 -10.73
N LYS A 209 2.46 -11.63 -9.43
CA LYS A 209 3.41 -12.53 -8.80
C LYS A 209 2.76 -13.83 -8.32
N CYS A 210 1.45 -13.77 -8.01
CA CYS A 210 0.74 -14.92 -7.40
C CYS A 210 -0.62 -15.05 -8.05
N PRO A 211 -0.65 -15.37 -9.32
CA PRO A 211 -1.94 -15.36 -10.03
C PRO A 211 -3.00 -16.32 -9.47
N TRP A 212 -2.63 -17.52 -9.04
CA TRP A 212 -3.64 -18.46 -8.57
C TRP A 212 -4.19 -18.00 -7.23
N THR A 213 -3.32 -17.54 -6.36
CA THR A 213 -3.71 -17.03 -5.07
C THR A 213 -4.61 -15.81 -5.22
N PHE A 214 -4.22 -14.91 -6.12
CA PHE A 214 -5.02 -13.69 -6.32
C PHE A 214 -6.40 -14.00 -6.85
N GLU A 215 -6.48 -14.85 -7.86
CA GLU A 215 -7.77 -15.15 -8.47
C GLU A 215 -8.66 -15.87 -7.46
N ALA A 216 -8.07 -16.76 -6.68
CA ALA A 216 -8.80 -17.47 -5.64
C ALA A 216 -9.28 -16.51 -4.55
N PHE A 217 -8.43 -15.56 -4.20
CA PHE A 217 -8.77 -14.52 -3.23
C PHE A 217 -9.99 -13.72 -3.72
N LEU A 218 -9.96 -13.26 -4.97
N LEU A 218 -9.95 -13.23 -4.96
CA LEU A 218 -11.09 -12.50 -5.48
CA LEU A 218 -11.08 -12.44 -5.47
C LEU A 218 -12.38 -13.29 -5.43
C LEU A 218 -12.38 -13.25 -5.56
N LYS A 219 -12.28 -14.54 -5.87
CA LYS A 219 -13.45 -15.39 -6.02
C LYS A 219 -14.08 -15.73 -4.68
N TYR A 220 -13.26 -16.00 -3.68
CA TYR A 220 -13.73 -16.63 -2.45
C TYR A 220 -13.59 -15.88 -1.17
N ALA A 221 -12.68 -14.94 -1.08
CA ALA A 221 -12.34 -14.38 0.23
C ALA A 221 -12.35 -12.87 0.27
N TYR A 222 -12.04 -12.22 -0.84
CA TYR A 222 -11.96 -10.75 -0.84
C TYR A 222 -13.30 -10.13 -0.44
N LYS A 223 -13.19 -9.17 0.48
CA LYS A 223 -14.34 -8.55 1.14
C LYS A 223 -14.69 -7.16 0.62
N GLY A 224 -13.81 -6.59 -0.15
CA GLY A 224 -14.01 -5.26 -0.71
C GLY A 224 -14.90 -5.20 -1.93
N ASP A 225 -15.04 -3.99 -2.46
CA ASP A 225 -15.95 -3.78 -3.55
C ASP A 225 -15.38 -3.04 -4.78
N ILE A 226 -14.04 -3.01 -4.90
N ILE A 226 -14.06 -2.96 -4.92
CA ILE A 226 -13.35 -2.33 -6.01
CA ILE A 226 -13.51 -2.41 -6.17
C ILE A 226 -12.59 -3.26 -6.99
C ILE A 226 -12.85 -3.49 -7.06
N LEU A 227 -12.02 -4.36 -6.48
CA LEU A 227 -11.25 -5.26 -7.31
C LEU A 227 -12.12 -6.16 -8.17
N LYS A 228 -11.64 -6.34 -9.41
CA LYS A 228 -12.34 -6.86 -10.59
C LYS A 228 -13.88 -6.63 -10.63
PA FAD B . 6.92 -2.95 18.44
O1A FAD B . 6.58 -2.80 17.01
O2A FAD B . 5.91 -2.66 19.53
O5B FAD B . 7.49 -4.45 18.58
C5B FAD B . 7.74 -4.93 19.90
C4B FAD B . 8.69 -6.09 19.74
O4B FAD B . 8.02 -7.14 19.05
C3B FAD B . 9.93 -5.83 18.93
O3B FAD B . 10.96 -5.23 19.79
C2B FAD B . 10.29 -7.17 18.36
O2B FAD B . 11.00 -7.97 19.35
C1B FAD B . 8.91 -7.67 18.10
N9A FAD B . 8.36 -7.43 16.77
C8A FAD B . 7.12 -6.90 16.48
N7A FAD B . 6.79 -7.05 15.17
C5A FAD B . 7.84 -7.72 14.59
C6A FAD B . 8.07 -8.17 13.30
N6A FAD B . 7.30 -8.00 12.25
N1A FAD B . 9.25 -8.79 13.09
C2A FAD B . 10.10 -9.02 14.09
N3A FAD B . 9.95 -8.65 15.37
C4A FAD B . 8.78 -7.99 15.65
N1 FAD B . 11.62 4.16 12.13
C2 FAD B . 11.75 4.54 10.92
O2 FAD B . 11.08 3.98 10.05
N3 FAD B . 12.65 5.47 10.52
C4 FAD B . 13.43 6.14 11.37
O4 FAD B . 14.26 7.01 11.02
C4X FAD B . 13.34 5.80 12.74
N5 FAD B . 14.11 6.42 13.74
C5X FAD B . 13.89 6.06 15.07
C6 FAD B . 14.64 6.76 16.09
C7 FAD B . 14.43 6.41 17.46
C7M FAD B . 15.29 7.18 18.49
C8 FAD B . 13.48 5.42 17.83
C8M FAD B . 13.29 5.07 19.28
C9 FAD B . 12.77 4.79 16.85
C9A FAD B . 12.90 5.05 15.45
N10 FAD B . 12.19 4.44 14.51
C10 FAD B . 12.35 4.80 13.16
C1' FAD B . 11.15 3.49 14.81
C2' FAD B . 11.68 2.10 15.09
O2' FAD B . 12.17 1.59 13.85
C3' FAD B . 10.58 1.17 15.60
O3' FAD B . 9.51 1.11 14.66
C4' FAD B . 9.98 1.64 16.91
O4' FAD B . 10.98 2.01 17.85
C5' FAD B . 9.13 0.56 17.60
O5' FAD B . 10.03 -0.45 18.12
P FAD B . 9.69 -2.03 18.11
O1P FAD B . 9.64 -2.59 16.70
O2P FAD B . 10.67 -2.63 19.08
O3P FAD B . 8.22 -2.04 18.77
N1 UMP C . 10.29 7.41 13.94
C2 UMP C . 10.10 7.11 15.26
N3 UMP C . 10.82 7.72 16.19
C4 UMP C . 11.81 8.63 15.87
C5 UMP C . 12.07 8.88 14.54
C6 UMP C . 11.28 8.26 13.59
O2 UMP C . 9.17 6.31 15.51
O4 UMP C . 12.46 9.14 16.81
C1' UMP C . 9.42 6.78 12.93
C2' UMP C . 8.03 7.46 12.89
C3' UMP C . 7.70 7.68 11.44
C4' UMP C . 9.06 7.76 10.77
O3' UMP C . 7.04 6.50 10.93
O4' UMP C . 9.96 6.99 11.60
C5' UMP C . 9.57 9.20 10.55
O5' UMP C . 9.39 9.86 11.79
P UMP C . 10.05 11.33 12.05
OP1 UMP C . 11.54 11.08 12.10
OP2 UMP C . 9.47 11.83 13.33
OP3 UMP C . 9.65 12.12 10.83
N1 FFO D . 15.41 2.49 15.37
C2 FFO D . 15.86 2.97 16.52
NA2 FFO D . 15.49 2.33 17.72
N3 FFO D . 16.71 4.09 16.58
C4 FFO D . 17.09 4.73 15.45
O4 FFO D . 17.93 5.80 15.53
C4A FFO D . 16.61 4.27 14.19
N5 FFO D . 16.94 4.83 12.90
C6 FFO D . 16.88 3.96 11.80
C7 FFO D . 15.58 3.08 11.75
N8 FFO D . 15.19 2.56 13.00
C8A FFO D . 15.73 3.09 14.19
C9 FFO D . 18.25 3.15 11.92
N10 FFO D . 19.44 3.92 12.32
C11 FFO D . 22.18 5.57 9.55
C12 FFO D . 22.51 5.54 10.88
C13 FFO D . 21.60 4.99 11.79
C14 FFO D . 20.37 4.48 11.36
C15 FFO D . 20.03 4.54 10.01
C16 FFO D . 20.92 5.06 9.11
C FFO D . 23.14 6.11 8.54
O FFO D . 22.85 6.05 7.33
N FFO D . 24.43 6.63 8.97
C5A FFO D . 17.42 6.12 12.68
O5B FFO D . 17.30 6.59 11.56
CL CL E . 13.45 20.46 -1.76
#